data_3UJG
#
_entry.id   3UJG
#
_cell.length_a   154.835
_cell.length_b   154.835
_cell.length_c   70.966
_cell.angle_alpha   90.000
_cell.angle_beta   90.000
_cell.angle_gamma   90.000
#
_symmetry.space_group_name_H-M   'I 4'
#
loop_
_entity.id
_entity.type
_entity.pdbx_description
1 polymer 'Serine/threonine-protein kinase SRK2E'
2 polymer 'Protein phosphatase 2C 16'
3 non-polymer 'SULFATE ION'
4 non-polymer 'MAGNESIUM ION'
5 water water
#
loop_
_entity_poly.entity_id
_entity_poly.type
_entity_poly.pdbx_seq_one_letter_code
_entity_poly.pdbx_strand_id
1 'polypeptide(L)'
;MAHHHHHHADLPIMHDSDRYELVKDIGSGNFGVARLMRDKQSNELVAVKYIERGEKIDENVKREIINHRSLRHPNIVRFK
EVILTPTHLAIVMEYASGGELFERICNAGRFSEDEARFFFQQLISGVSYCHAMQVCHRDLKLENTLLDGSPAPRLKICDF
GYSKSSVLHSQPKSTVGTPAYIAPEVLLKKEYDGKVADVWSCGVTLYVMLVGAYPFEDPEEPKNFRKTIHRILNVQYAIP
DYVHISPECRHLISRIFVADPAKRISIPEIRNHEWFLKNLPADLMNDNTMTTQFAASDQPGQSIEEIMQIIAEATVPPAG
TQNLNHYLTGSLDIDDDMEEDLESDLDDLDIDSSGEIVYAM
;
A
2 'polypeptide(L)'
;GSGSAGSAAGSNHLVKGRSVYELDCIPLWGTVSIQGNRSEMEDAFAVSPHFLKLPIKMLMGDHEGMSPSLTHLTGHFFGV
YDGHGGHKVADYCRDRLHFALAEEIERIKDELCKRNTGEGRQVQWDKVFTSCFLTVDGEIEGKIGRAVVGSSDKVLEAVA
SETVGSTAVVALVCSSHIVVSNCGDSRAVLFRGKEAMPLSVDHKPDREDEYARIENAGGKVIQWQGARVFGVLAMSRSIG
DRYLKPYVIPEPEVTFMPRSREDECLILASDGLWDVMNNQEVCEIARRRILMWHKKNGAPPLAERGKGIDPACQAAADYL
SMLALQKGSKDNISIIVIDLKAQRKFKTRT
;
B
#
loop_
_chem_comp.id
_chem_comp.type
_chem_comp.name
_chem_comp.formula
MG non-polymer 'MAGNESIUM ION' 'Mg 2'
SO4 non-polymer 'SULFATE ION' 'O4 S -2'
#
# COMPACT_ATOMS: atom_id res chain seq x y z
N ARG A 19 11.56 28.90 16.83
CA ARG A 19 11.60 27.45 17.21
C ARG A 19 10.18 26.90 17.45
N TYR A 20 10.01 25.60 17.25
CA TYR A 20 8.70 24.94 17.35
C TYR A 20 8.67 23.87 18.46
N GLU A 21 7.46 23.57 18.95
CA GLU A 21 7.25 22.59 20.03
C GLU A 21 6.37 21.42 19.60
N LEU A 22 6.86 20.18 19.80
CA LEU A 22 6.08 18.97 19.47
C LEU A 22 4.67 19.01 20.07
N VAL A 23 3.70 18.51 19.31
CA VAL A 23 2.31 18.38 19.76
C VAL A 23 1.77 16.96 19.53
N LYS A 24 1.93 16.44 18.31
CA LYS A 24 1.39 15.11 17.92
C LYS A 24 2.20 14.48 16.78
N ASP A 25 1.74 13.32 16.33
CA ASP A 25 2.22 12.70 15.09
C ASP A 25 0.98 12.28 14.27
N ILE A 26 0.39 13.25 13.58
CA ILE A 26 -0.78 12.98 12.70
C ILE A 26 -0.38 12.26 11.41
N GLY A 27 -1.38 11.77 10.67
CA GLY A 27 -1.16 11.15 9.36
C GLY A 27 -1.30 12.18 8.24
N SER A 28 -0.48 12.06 7.21
CA SER A 28 -0.44 13.06 6.12
C SER A 28 -1.52 12.81 5.04
N GLY A 29 -1.35 13.47 3.90
CA GLY A 29 -2.35 13.48 2.82
C GLY A 29 -2.37 12.26 1.93
N ASN A 30 -1.34 12.08 1.11
CA ASN A 30 -1.23 10.89 0.27
C ASN A 30 -0.46 9.80 1.02
N PHE A 31 -1.10 9.26 2.05
CA PHE A 31 -0.59 8.11 2.80
C PHE A 31 0.82 8.33 3.36
N GLY A 32 0.98 9.44 4.07
CA GLY A 32 2.29 9.84 4.60
C GLY A 32 2.28 10.08 6.10
N VAL A 33 3.44 10.44 6.62
CA VAL A 33 3.64 10.71 8.05
C VAL A 33 4.14 12.15 8.25
N ALA A 34 3.79 12.73 9.39
CA ALA A 34 4.20 14.09 9.74
C ALA A 34 4.12 14.32 11.25
N ARG A 35 4.89 15.28 11.74
CA ARG A 35 4.82 15.67 13.15
C ARG A 35 4.20 17.07 13.29
N LEU A 36 3.05 17.14 13.92
CA LEU A 36 2.39 18.42 14.20
C LEU A 36 3.17 19.17 15.27
N MET A 37 3.57 20.40 14.98
CA MET A 37 4.33 21.26 15.90
C MET A 37 3.76 22.68 15.90
N ARG A 38 4.29 23.55 16.77
CA ARG A 38 3.71 24.88 17.02
C ARG A 38 4.78 25.97 17.18
N ASP A 39 4.54 27.14 16.56
CA ASP A 39 5.49 28.26 16.55
C ASP A 39 5.44 29.05 17.87
N SER A 42 4.66 33.20 17.09
CA SER A 42 3.25 33.20 16.71
C SER A 42 2.51 32.01 17.32
N ASN A 43 1.19 32.12 17.45
CA ASN A 43 0.36 31.00 17.94
C ASN A 43 -0.18 30.16 16.75
N GLU A 44 0.74 29.72 15.89
CA GLU A 44 0.40 29.08 14.62
C GLU A 44 0.81 27.61 14.66
N LEU A 45 -0.08 26.75 14.16
CA LEU A 45 0.23 25.32 14.05
C LEU A 45 0.92 25.03 12.70
N VAL A 46 1.90 24.13 12.71
CA VAL A 46 2.62 23.75 11.48
C VAL A 46 2.74 22.23 11.35
N ALA A 47 2.76 21.75 10.12
CA ALA A 47 2.93 20.32 9.85
C ALA A 47 4.34 20.10 9.30
N VAL A 48 5.13 19.26 9.96
CA VAL A 48 6.54 19.07 9.61
C VAL A 48 6.80 17.66 9.10
N LYS A 49 7.35 17.57 7.90
CA LYS A 49 7.69 16.29 7.28
C LYS A 49 9.20 16.15 7.35
N TYR A 50 9.69 14.92 7.44
CA TYR A 50 11.11 14.68 7.61
C TYR A 50 11.67 13.76 6.51
N ILE A 51 12.99 13.84 6.31
CA ILE A 51 13.66 13.05 5.28
C ILE A 51 15.12 12.71 5.65
N GLU A 52 15.36 11.42 5.93
CA GLU A 52 16.69 10.85 6.22
C GLU A 52 17.86 11.63 5.60
N ARG A 53 18.70 12.19 6.47
CA ARG A 53 19.79 13.09 6.06
C ARG A 53 20.92 12.44 5.22
N GLY A 54 20.97 11.11 5.18
CA GLY A 54 22.05 10.39 4.50
C GLY A 54 22.05 10.49 2.97
N GLU A 55 22.45 11.66 2.46
CA GLU A 55 22.48 11.96 1.03
C GLU A 55 21.30 11.35 0.25
N LYS A 56 20.11 11.43 0.85
CA LYS A 56 18.85 11.24 0.14
C LYS A 56 18.45 12.60 -0.43
N ILE A 57 19.38 13.55 -0.28
CA ILE A 57 19.16 14.96 -0.58
C ILE A 57 19.66 15.25 -2.01
N ASP A 58 19.04 14.54 -2.97
CA ASP A 58 19.45 14.58 -4.38
C ASP A 58 19.11 15.92 -5.01
N GLU A 59 19.03 15.94 -6.34
CA GLU A 59 18.48 17.08 -7.07
C GLU A 59 16.95 17.02 -7.16
N ASN A 60 16.36 15.83 -6.99
CA ASN A 60 14.89 15.69 -7.02
C ASN A 60 14.23 16.41 -5.84
N VAL A 61 14.86 16.30 -4.67
CA VAL A 61 14.35 16.90 -3.44
C VAL A 61 14.47 18.43 -3.45
N LYS A 62 15.50 18.95 -4.12
CA LYS A 62 15.71 20.40 -4.20
C LYS A 62 14.64 21.07 -5.07
N ARG A 63 14.44 20.53 -6.27
CA ARG A 63 13.50 21.10 -7.25
C ARG A 63 12.07 21.01 -6.70
N GLU A 64 11.75 19.88 -6.08
CA GLU A 64 10.42 19.64 -5.53
C GLU A 64 10.05 20.62 -4.41
N ILE A 65 11.02 20.99 -3.59
CA ILE A 65 10.78 21.97 -2.54
C ILE A 65 10.62 23.35 -3.15
N ILE A 66 11.56 23.78 -3.99
CA ILE A 66 11.53 25.11 -4.61
C ILE A 66 10.29 25.31 -5.47
N ASN A 67 9.88 24.23 -6.15
CA ASN A 67 8.61 24.21 -6.85
C ASN A 67 7.45 24.52 -5.92
N HIS A 68 7.25 23.68 -4.90
CA HIS A 68 6.12 23.85 -3.99
C HIS A 68 6.15 25.21 -3.30
N ARG A 69 7.35 25.73 -3.07
CA ARG A 69 7.54 27.05 -2.50
C ARG A 69 6.96 28.17 -3.39
N SER A 70 6.90 27.93 -4.70
CA SER A 70 6.44 28.94 -5.64
C SER A 70 4.91 28.95 -5.73
N LEU A 71 4.26 27.99 -5.06
CA LEU A 71 2.82 27.90 -5.07
C LEU A 71 2.31 28.71 -3.92
N ARG A 72 1.60 29.81 -4.21
CA ARG A 72 1.23 30.79 -3.19
C ARG A 72 -0.29 31.01 -3.01
N HIS A 73 -1.11 30.25 -3.72
CA HIS A 73 -2.57 30.36 -3.58
C HIS A 73 -3.09 30.04 -2.17
N PRO A 74 -3.99 30.87 -1.64
CA PRO A 74 -4.48 30.67 -0.27
C PRO A 74 -5.20 29.33 -0.03
N ASN A 75 -5.72 28.72 -1.09
CA ASN A 75 -6.32 27.38 -1.02
C ASN A 75 -5.38 26.22 -1.36
N ILE A 76 -4.08 26.51 -1.39
CA ILE A 76 -3.05 25.48 -1.56
C ILE A 76 -2.32 25.37 -0.25
N VAL A 77 -2.08 24.16 0.26
CA VAL A 77 -1.26 24.06 1.49
C VAL A 77 0.19 24.47 1.15
N ARG A 78 0.64 25.56 1.76
CA ARG A 78 1.87 26.22 1.30
C ARG A 78 3.10 25.94 2.15
N PHE A 79 4.26 25.94 1.49
CA PHE A 79 5.55 25.73 2.14
C PHE A 79 5.89 26.92 3.02
N LYS A 80 6.19 26.65 4.30
CA LYS A 80 6.60 27.67 5.25
C LYS A 80 8.12 27.81 5.23
N GLU A 81 8.83 26.72 5.56
CA GLU A 81 10.30 26.73 5.55
C GLU A 81 10.92 25.33 5.70
N VAL A 82 12.25 25.30 5.65
CA VAL A 82 13.02 24.08 5.75
C VAL A 82 14.10 24.24 6.84
N ILE A 83 14.07 23.37 7.85
CA ILE A 83 15.01 23.45 8.97
C ILE A 83 15.96 22.25 8.95
N LEU A 84 17.23 22.48 9.26
CA LEU A 84 18.22 21.40 9.35
C LEU A 84 18.34 20.91 10.78
N THR A 85 18.35 19.60 10.95
CA THR A 85 18.54 18.96 12.26
C THR A 85 19.56 17.81 12.12
N PRO A 86 20.15 17.35 13.26
CA PRO A 86 21.11 16.23 13.20
C PRO A 86 20.56 14.94 12.58
N THR A 87 19.28 14.67 12.82
CA THR A 87 18.61 13.50 12.24
C THR A 87 18.39 13.65 10.72
N HIS A 88 17.59 14.65 10.31
CA HIS A 88 17.11 14.77 8.93
C HIS A 88 16.98 16.22 8.45
N LEU A 89 16.43 16.38 7.24
CA LEU A 89 15.95 17.67 6.73
C LEU A 89 14.46 17.82 7.07
N ALA A 90 14.13 18.86 7.83
CA ALA A 90 12.75 19.15 8.23
C ALA A 90 12.08 20.06 7.20
N ILE A 91 10.89 19.64 6.74
CA ILE A 91 10.07 20.41 5.81
C ILE A 91 8.85 20.91 6.57
N VAL A 92 8.84 22.19 6.89
CA VAL A 92 7.74 22.80 7.62
C VAL A 92 6.69 23.27 6.61
N MET A 93 5.49 22.73 6.75
CA MET A 93 4.38 23.07 5.89
C MET A 93 3.32 23.77 6.73
N GLU A 94 2.41 24.43 6.03
CA GLU A 94 1.22 25.01 6.62
C GLU A 94 0.30 23.87 7.04
N TYR A 95 -0.38 24.00 8.17
CA TYR A 95 -1.25 22.93 8.67
C TYR A 95 -2.75 23.21 8.45
N ALA A 96 -3.47 22.15 8.07
CA ALA A 96 -4.91 22.22 7.86
C ALA A 96 -5.60 21.72 9.12
N SER A 97 -5.95 22.67 9.98
CA SER A 97 -6.45 22.39 11.32
C SER A 97 -7.84 21.80 11.33
N GLY A 98 -8.56 21.90 10.21
CA GLY A 98 -9.88 21.25 10.06
C GLY A 98 -9.80 19.78 9.64
N GLY A 99 -8.64 19.34 9.16
CA GLY A 99 -8.47 17.95 8.76
C GLY A 99 -9.05 17.63 7.40
N GLU A 100 -9.21 16.34 7.12
CA GLU A 100 -9.82 15.87 5.88
C GLU A 100 -11.28 16.32 5.78
N LEU A 101 -11.68 16.68 4.57
CA LEU A 101 -13.03 17.15 4.27
C LEU A 101 -14.06 16.03 4.43
N PHE A 102 -13.74 14.86 3.93
CA PHE A 102 -14.68 13.75 3.98
C PHE A 102 -15.01 13.39 5.44
N GLU A 103 -13.97 13.20 6.24
CA GLU A 103 -14.08 12.90 7.68
C GLU A 103 -14.86 14.03 8.40
N ARG A 104 -14.77 15.25 7.87
CA ARG A 104 -15.58 16.38 8.33
C ARG A 104 -17.06 16.14 8.07
N ILE A 105 -17.37 15.79 6.83
CA ILE A 105 -18.75 15.68 6.37
C ILE A 105 -19.41 14.54 7.11
N CYS A 106 -18.62 13.51 7.40
CA CYS A 106 -19.12 12.34 8.12
C CYS A 106 -19.62 12.69 9.52
N ASN A 107 -18.82 13.42 10.29
CA ASN A 107 -19.17 13.77 11.67
C ASN A 107 -19.77 15.19 11.79
N ALA A 108 -20.57 15.56 10.79
CA ALA A 108 -21.19 16.89 10.71
C ALA A 108 -22.35 16.93 9.71
N GLY A 109 -22.44 15.93 8.84
CA GLY A 109 -23.48 15.86 7.85
C GLY A 109 -23.07 16.54 6.57
N ARG A 110 -23.86 16.30 5.53
CA ARG A 110 -23.72 17.04 4.29
C ARG A 110 -23.84 18.55 4.52
N PHE A 111 -23.16 19.33 3.70
CA PHE A 111 -23.21 20.78 3.77
C PHE A 111 -24.41 21.27 2.99
N SER A 112 -24.78 22.52 3.21
CA SER A 112 -25.91 23.12 2.52
C SER A 112 -25.43 23.55 1.16
N GLU A 113 -26.36 23.79 0.26
CA GLU A 113 -26.00 24.25 -1.06
C GLU A 113 -25.12 25.50 -1.00
N ASP A 114 -25.32 26.36 0.00
CA ASP A 114 -24.53 27.60 0.09
C ASP A 114 -23.11 27.37 0.66
N GLU A 115 -22.97 26.48 1.64
CA GLU A 115 -21.64 26.08 2.17
C GLU A 115 -20.83 25.33 1.11
N ALA A 116 -21.51 24.41 0.41
CA ALA A 116 -20.91 23.70 -0.73
C ALA A 116 -20.44 24.66 -1.81
N ARG A 117 -21.21 25.70 -2.09
CA ARG A 117 -20.83 26.64 -3.14
C ARG A 117 -19.59 27.41 -2.70
N PHE A 118 -19.53 27.74 -1.41
CA PHE A 118 -18.45 28.54 -0.88
C PHE A 118 -17.13 27.82 -1.15
N PHE A 119 -17.08 26.57 -0.71
CA PHE A 119 -15.90 25.77 -0.87
C PHE A 119 -15.58 25.38 -2.32
N PHE A 120 -16.61 25.18 -3.13
CA PHE A 120 -16.39 24.78 -4.52
C PHE A 120 -15.72 25.89 -5.28
N GLN A 121 -16.06 27.13 -4.93
CA GLN A 121 -15.46 28.30 -5.57
C GLN A 121 -13.99 28.36 -5.25
N GLN A 122 -13.68 28.10 -4.00
CA GLN A 122 -12.31 28.00 -3.55
C GLN A 122 -11.54 26.89 -4.30
N LEU A 123 -12.17 25.73 -4.49
CA LEU A 123 -11.49 24.60 -5.13
C LEU A 123 -11.10 24.98 -6.54
N ILE A 124 -12.09 25.46 -7.27
CA ILE A 124 -11.92 25.84 -8.66
C ILE A 124 -10.88 26.92 -8.78
N SER A 125 -10.86 27.85 -7.84
CA SER A 125 -9.86 28.90 -7.86
C SER A 125 -8.47 28.30 -7.71
N GLY A 126 -8.36 27.33 -6.80
CA GLY A 126 -7.14 26.60 -6.56
C GLY A 126 -6.75 25.68 -7.69
N VAL A 127 -7.69 24.90 -8.21
CA VAL A 127 -7.34 23.97 -9.29
C VAL A 127 -6.87 24.78 -10.47
N SER A 128 -7.57 25.86 -10.71
CA SER A 128 -7.30 26.73 -11.84
C SER A 128 -5.90 27.27 -11.73
N TYR A 129 -5.55 27.78 -10.56
CA TYR A 129 -4.18 28.24 -10.31
C TYR A 129 -3.14 27.11 -10.52
N CYS A 130 -3.39 25.94 -9.94
CA CYS A 130 -2.44 24.82 -10.09
C CYS A 130 -2.22 24.49 -11.56
N HIS A 131 -3.33 24.35 -12.29
CA HIS A 131 -3.28 24.10 -13.72
C HIS A 131 -2.36 25.12 -14.41
N ALA A 132 -2.47 26.38 -13.98
CA ALA A 132 -1.67 27.44 -14.55
C ALA A 132 -0.18 27.28 -14.18
N MET A 133 0.08 26.84 -12.94
CA MET A 133 1.44 26.55 -12.50
C MET A 133 1.96 25.17 -12.97
N GLN A 134 1.26 24.54 -13.91
CA GLN A 134 1.72 23.28 -14.51
C GLN A 134 1.54 22.07 -13.58
N VAL A 135 0.81 22.25 -12.46
CA VAL A 135 0.55 21.18 -11.51
C VAL A 135 -0.85 20.65 -11.71
N CYS A 136 -0.99 19.36 -12.00
CA CYS A 136 -2.30 18.76 -12.22
C CYS A 136 -2.29 17.24 -12.10
N HIS A 137 -3.49 16.67 -12.10
CA HIS A 137 -3.72 15.23 -12.18
C HIS A 137 -2.96 14.53 -11.05
N ARG A 138 -2.14 13.53 -11.35
CA ARG A 138 -1.45 12.81 -10.29
C ARG A 138 -0.44 13.68 -9.53
N ASP A 139 -0.08 14.83 -10.08
CA ASP A 139 0.78 15.73 -9.33
C ASP A 139 -0.03 16.51 -8.26
N LEU A 140 -1.34 16.64 -8.47
CA LEU A 140 -2.21 17.48 -7.63
C LEU A 140 -3.05 16.64 -6.64
N LYS A 141 -3.29 15.39 -7.02
CA LYS A 141 -4.04 14.43 -6.22
C LYS A 141 -5.28 15.02 -5.55
N LEU A 142 -6.31 15.29 -6.33
CA LEU A 142 -7.50 15.92 -5.79
C LEU A 142 -8.35 15.03 -4.92
N GLU A 143 -8.03 13.74 -4.81
CA GLU A 143 -8.72 12.88 -3.82
C GLU A 143 -8.50 13.47 -2.43
N ASN A 144 -7.36 14.12 -2.25
CA ASN A 144 -7.02 14.75 -1.00
C ASN A 144 -7.49 16.17 -0.91
N THR A 145 -8.50 16.39 -0.09
CA THR A 145 -8.98 17.73 0.23
C THR A 145 -8.93 17.92 1.73
N LEU A 146 -8.39 19.05 2.15
CA LEU A 146 -8.28 19.36 3.56
C LEU A 146 -9.08 20.63 3.82
N LEU A 147 -9.34 20.86 5.10
CA LEU A 147 -10.01 22.06 5.59
C LEU A 147 -9.13 22.76 6.60
N ASP A 148 -9.35 24.05 6.77
CA ASP A 148 -8.56 24.85 7.68
C ASP A 148 -9.45 25.86 8.37
N GLY A 149 -9.23 26.06 9.67
CA GLY A 149 -10.04 26.99 10.47
C GLY A 149 -9.62 28.45 10.32
N SER A 150 -8.30 28.67 10.30
CA SER A 150 -7.71 30.03 10.15
C SER A 150 -8.31 30.84 8.98
N ALA A 152 -10.49 30.29 7.10
CA ALA A 152 -11.41 31.33 6.63
C ALA A 152 -12.88 31.10 7.02
N PRO A 153 -13.41 29.86 6.84
CA PRO A 153 -12.81 28.58 6.43
C PRO A 153 -12.30 28.47 4.98
N ARG A 154 -11.18 27.77 4.80
CA ARG A 154 -10.63 27.50 3.46
C ARG A 154 -10.53 25.99 3.26
N LEU A 155 -10.78 25.54 2.04
CA LEU A 155 -10.42 24.19 1.69
C LEU A 155 -9.02 24.26 1.08
N LYS A 156 -8.23 23.22 1.32
CA LYS A 156 -6.84 23.25 0.94
C LYS A 156 -6.49 22.00 0.17
N ILE A 157 -5.82 22.16 -0.95
CA ILE A 157 -5.40 21.01 -1.74
C ILE A 157 -3.90 21.08 -1.97
N CYS A 158 -3.37 20.05 -2.60
CA CYS A 158 -1.97 20.06 -3.05
C CYS A 158 -0.96 20.24 -1.91
N ASP A 159 -0.70 19.17 -1.17
CA ASP A 159 0.31 19.15 -0.12
C ASP A 159 1.65 18.71 -0.71
N PHE A 160 2.74 18.99 0.03
CA PHE A 160 4.11 18.70 -0.40
C PHE A 160 4.34 17.29 -1.01
N GLY A 161 4.11 16.24 -0.23
CA GLY A 161 4.37 14.90 -0.74
C GLY A 161 3.40 14.37 -1.80
N TYR A 162 2.92 15.23 -2.70
CA TYR A 162 1.84 14.85 -3.63
C TYR A 162 2.25 14.60 -5.07
N SER A 163 3.43 15.07 -5.51
CA SER A 163 3.83 14.88 -6.91
C SER A 163 4.04 13.41 -7.25
N LYS A 164 4.03 13.09 -8.55
CA LYS A 164 4.25 11.72 -9.02
C LYS A 164 5.63 11.23 -8.64
N SER A 165 6.61 12.11 -8.81
CA SER A 165 8.03 11.83 -8.57
C SER A 165 8.48 12.27 -7.18
N SER A 166 7.59 12.17 -6.18
CA SER A 166 7.89 12.70 -4.85
C SER A 166 8.96 11.88 -4.16
N VAL A 167 9.96 12.58 -3.61
CA VAL A 167 10.97 11.95 -2.77
C VAL A 167 10.40 11.61 -1.41
N LEU A 168 9.27 12.23 -1.04
CA LEU A 168 8.63 11.97 0.24
C LEU A 168 8.05 10.56 0.30
N HIS A 169 8.41 9.83 1.35
CA HIS A 169 7.94 8.47 1.53
C HIS A 169 6.40 8.42 1.52
N SER A 170 5.85 7.32 1.01
CA SER A 170 4.40 7.13 0.89
C SER A 170 4.07 5.67 1.19
N GLN A 171 2.88 5.40 1.75
CA GLN A 171 2.46 4.02 2.02
C GLN A 171 1.01 3.79 1.65
N PRO A 172 0.73 3.69 0.34
CA PRO A 172 -0.64 3.46 -0.12
C PRO A 172 -1.14 2.04 0.13
N LYS A 173 -2.46 1.90 0.22
CA LYS A 173 -3.10 0.61 0.48
C LYS A 173 -3.10 -0.30 -0.75
N SER A 174 -3.27 -1.58 -0.48
CA SER A 174 -3.40 -2.57 -1.51
C SER A 174 -4.52 -2.32 -2.45
N THR A 175 -5.63 -1.80 -1.94
CA THR A 175 -6.76 -1.44 -2.77
C THR A 175 -6.93 0.07 -2.73
N VAL A 176 -7.31 0.65 -3.86
CA VAL A 176 -7.46 2.09 -3.98
C VAL A 176 -8.58 2.61 -3.07
N GLY A 177 -8.37 3.78 -2.47
CA GLY A 177 -9.29 4.28 -1.45
C GLY A 177 -10.63 4.83 -1.92
N THR A 178 -10.56 5.87 -2.74
CA THR A 178 -11.73 6.58 -3.21
C THR A 178 -11.77 6.55 -4.74
N PRO A 179 -12.12 5.39 -5.31
CA PRO A 179 -12.13 5.21 -6.77
C PRO A 179 -13.06 6.16 -7.53
N ALA A 180 -14.09 6.66 -6.86
CA ALA A 180 -14.98 7.66 -7.44
C ALA A 180 -14.24 8.82 -8.09
N TYR A 181 -13.07 9.16 -7.57
CA TYR A 181 -12.23 10.22 -8.14
C TYR A 181 -11.60 9.90 -9.51
N ILE A 182 -11.60 8.64 -9.90
CA ILE A 182 -11.03 8.22 -11.16
C ILE A 182 -12.00 8.53 -12.32
N ALA A 183 -11.58 9.46 -13.18
CA ALA A 183 -12.40 9.81 -14.34
C ALA A 183 -12.49 8.65 -15.34
N PRO A 184 -13.66 8.39 -15.92
CA PRO A 184 -13.79 7.21 -16.78
C PRO A 184 -12.70 7.08 -17.86
N GLU A 185 -12.28 8.18 -18.44
CA GLU A 185 -11.24 8.12 -19.46
C GLU A 185 -9.87 7.67 -18.92
N VAL A 186 -9.68 7.74 -17.60
CA VAL A 186 -8.46 7.22 -16.99
C VAL A 186 -8.43 5.70 -17.10
N LEU A 187 -9.61 5.10 -17.04
CA LEU A 187 -9.71 3.65 -17.14
C LEU A 187 -9.86 3.17 -18.58
N LEU A 188 -10.29 4.06 -19.47
CA LEU A 188 -10.88 3.66 -20.73
C LEU A 188 -9.96 3.96 -21.88
N LYS A 189 -9.12 4.97 -21.72
CA LYS A 189 -8.26 5.45 -22.79
C LYS A 189 -6.82 5.37 -22.36
N LYS A 190 -5.93 5.61 -23.32
CA LYS A 190 -4.50 5.61 -23.06
C LYS A 190 -3.90 7.00 -23.25
N GLU A 191 -4.68 7.92 -23.83
CA GLU A 191 -4.29 9.31 -23.97
C GLU A 191 -5.46 10.18 -23.59
N TYR A 192 -5.19 11.16 -22.74
CA TYR A 192 -6.22 12.06 -22.25
C TYR A 192 -5.59 13.27 -21.59
N ASP A 193 -6.36 14.35 -21.48
CA ASP A 193 -5.86 15.56 -20.85
C ASP A 193 -6.02 15.39 -19.35
N GLY A 194 -4.97 15.69 -18.61
CA GLY A 194 -4.99 15.52 -17.16
C GLY A 194 -5.78 16.59 -16.44
N LYS A 195 -5.75 17.81 -16.99
CA LYS A 195 -6.48 18.93 -16.42
C LYS A 195 -7.98 18.69 -16.50
N VAL A 196 -8.40 18.01 -17.57
CA VAL A 196 -9.80 17.71 -17.79
C VAL A 196 -10.27 16.57 -16.88
N ALA A 197 -9.36 15.63 -16.60
CA ALA A 197 -9.68 14.54 -15.65
C ALA A 197 -9.90 15.18 -14.29
N ASP A 198 -9.12 16.21 -13.99
CA ASP A 198 -9.28 16.96 -12.75
C ASP A 198 -10.68 17.60 -12.57
N VAL A 199 -11.33 17.96 -13.68
CA VAL A 199 -12.70 18.47 -13.59
C VAL A 199 -13.61 17.45 -12.94
N TRP A 200 -13.50 16.20 -13.36
CA TRP A 200 -14.31 15.11 -12.82
C TRP A 200 -14.13 15.01 -11.29
N SER A 201 -12.87 15.00 -10.86
CA SER A 201 -12.55 14.99 -9.45
C SER A 201 -13.28 16.11 -8.68
N CYS A 202 -13.27 17.32 -9.24
CA CYS A 202 -13.94 18.46 -8.61
C CYS A 202 -15.42 18.15 -8.47
N GLY A 203 -15.98 17.56 -9.51
CA GLY A 203 -17.33 17.10 -9.45
C GLY A 203 -17.51 16.21 -8.25
N VAL A 204 -16.60 15.26 -8.06
CA VAL A 204 -16.73 14.29 -6.98
C VAL A 204 -16.74 15.07 -5.67
N THR A 205 -15.82 16.02 -5.54
CA THR A 205 -15.75 16.77 -4.31
C THR A 205 -17.05 17.55 -4.05
N LEU A 206 -17.64 18.10 -5.09
CA LEU A 206 -18.92 18.81 -4.96
C LEU A 206 -20.06 17.87 -4.51
N TYR A 207 -20.12 16.71 -5.13
CA TYR A 207 -21.13 15.76 -4.79
C TYR A 207 -21.07 15.34 -3.32
N VAL A 208 -19.87 15.08 -2.83
CA VAL A 208 -19.75 14.57 -1.48
C VAL A 208 -20.23 15.66 -0.50
N MET A 209 -19.88 16.92 -0.78
CA MET A 209 -20.31 18.03 0.06
C MET A 209 -21.82 18.10 0.15
N LEU A 210 -22.48 17.91 -0.99
CA LEU A 210 -23.93 18.08 -1.05
C LEU A 210 -24.69 16.88 -0.48
N VAL A 211 -24.21 15.66 -0.74
CA VAL A 211 -24.94 14.42 -0.43
C VAL A 211 -24.47 13.75 0.85
N GLY A 212 -23.19 13.93 1.19
CA GLY A 212 -22.62 13.32 2.37
C GLY A 212 -22.12 11.92 2.10
N ALA A 213 -22.06 11.54 0.83
CA ALA A 213 -21.57 10.21 0.44
C ALA A 213 -20.89 10.30 -0.92
N TYR A 214 -19.83 9.52 -1.17
CA TYR A 214 -19.21 9.50 -2.50
C TYR A 214 -20.22 9.04 -3.54
N PRO A 215 -20.13 9.55 -4.77
CA PRO A 215 -21.18 9.31 -5.73
C PRO A 215 -21.32 7.85 -6.16
N PHE A 216 -20.48 7.34 -7.02
CA PHE A 216 -20.87 6.13 -7.78
C PHE A 216 -20.80 4.87 -6.91
N GLU A 217 -20.16 5.00 -5.75
CA GLU A 217 -20.02 3.95 -4.76
C GLU A 217 -21.28 3.89 -3.92
N ASP A 218 -21.44 2.82 -3.13
CA ASP A 218 -22.44 2.81 -2.04
C ASP A 218 -22.06 1.88 -0.89
N GLU A 221 -23.80 -1.51 -0.73
CA GLU A 221 -22.60 -1.94 0.00
C GLU A 221 -21.35 -1.28 -0.57
N PRO A 222 -20.50 -0.71 0.30
CA PRO A 222 -19.30 -0.02 -0.16
C PRO A 222 -18.23 -0.99 -0.57
N LYS A 223 -17.06 -0.47 -0.94
CA LYS A 223 -15.88 -1.28 -1.28
C LYS A 223 -16.15 -2.50 -2.17
N ASN A 224 -17.23 -2.44 -2.93
CA ASN A 224 -17.50 -3.37 -4.01
C ASN A 224 -17.06 -2.68 -5.30
N PHE A 225 -15.81 -2.90 -5.67
CA PHE A 225 -15.20 -2.14 -6.72
C PHE A 225 -15.91 -2.39 -8.05
N ARG A 226 -16.35 -3.64 -8.27
CA ARG A 226 -17.11 -3.96 -9.46
C ARG A 226 -18.32 -3.02 -9.65
N LYS A 227 -19.11 -2.84 -8.60
CA LYS A 227 -20.29 -1.99 -8.69
C LYS A 227 -19.91 -0.51 -8.84
N THR A 228 -18.87 -0.10 -8.14
CA THR A 228 -18.47 1.30 -8.18
C THR A 228 -17.93 1.63 -9.56
N ILE A 229 -17.08 0.77 -10.09
CA ILE A 229 -16.50 1.00 -11.42
C ILE A 229 -17.58 0.95 -12.50
N HIS A 230 -18.51 0.01 -12.37
CA HIS A 230 -19.63 -0.08 -13.30
C HIS A 230 -20.39 1.24 -13.36
N ARG A 231 -20.71 1.78 -12.19
CA ARG A 231 -21.40 3.06 -12.08
C ARG A 231 -20.56 4.23 -12.64
N ILE A 232 -19.26 4.25 -12.37
CA ILE A 232 -18.40 5.31 -12.91
C ILE A 232 -18.47 5.31 -14.45
N LEU A 233 -18.14 4.17 -15.05
CA LEU A 233 -18.07 4.08 -16.50
C LEU A 233 -19.38 4.44 -17.22
N ASN A 234 -20.50 4.09 -16.61
CA ASN A 234 -21.81 4.47 -17.14
C ASN A 234 -22.32 5.76 -16.50
N VAL A 235 -21.46 6.48 -15.78
CA VAL A 235 -21.81 7.71 -15.11
C VAL A 235 -23.20 7.62 -14.48
N GLN A 236 -23.41 6.53 -13.76
CA GLN A 236 -24.68 6.22 -13.13
C GLN A 236 -24.65 6.71 -11.70
N TYR A 237 -25.10 7.93 -11.49
CA TYR A 237 -25.19 8.47 -10.14
C TYR A 237 -26.63 8.89 -9.90
N ALA A 238 -26.94 9.14 -8.64
CA ALA A 238 -28.30 9.49 -8.25
C ALA A 238 -28.28 10.32 -6.97
N ILE A 239 -28.73 11.56 -7.07
CA ILE A 239 -28.86 12.44 -5.92
C ILE A 239 -30.13 12.05 -5.17
N PRO A 240 -30.00 11.51 -3.94
CA PRO A 240 -31.18 11.04 -3.21
C PRO A 240 -32.18 12.14 -2.84
N ASP A 241 -33.36 11.73 -2.43
CA ASP A 241 -34.49 12.65 -2.25
C ASP A 241 -34.33 13.51 -0.99
N TYR A 242 -33.70 12.96 0.05
CA TYR A 242 -33.50 13.73 1.28
C TYR A 242 -32.62 14.97 1.07
N VAL A 243 -32.05 15.13 -0.13
CA VAL A 243 -31.19 16.28 -0.46
C VAL A 243 -31.85 17.14 -1.53
N HIS A 244 -32.08 18.40 -1.17
CA HIS A 244 -32.83 19.32 -2.01
C HIS A 244 -31.93 20.43 -2.48
N ILE A 245 -31.54 20.34 -3.75
CA ILE A 245 -30.61 21.29 -4.33
C ILE A 245 -31.22 21.88 -5.58
N SER A 246 -30.82 23.12 -5.86
CA SER A 246 -31.34 23.89 -6.96
C SER A 246 -31.07 23.23 -8.31
N PRO A 247 -31.83 23.65 -9.34
CA PRO A 247 -31.67 23.07 -10.67
C PRO A 247 -30.36 23.50 -11.36
N GLU A 248 -29.89 24.69 -11.08
CA GLU A 248 -28.59 25.15 -11.61
C GLU A 248 -27.45 24.27 -11.07
N CYS A 249 -27.55 23.88 -9.81
CA CYS A 249 -26.53 23.06 -9.19
C CYS A 249 -26.56 21.68 -9.84
N ARG A 250 -27.75 21.13 -10.00
CA ARG A 250 -27.88 19.78 -10.57
C ARG A 250 -27.37 19.78 -12.02
N HIS A 251 -27.48 20.93 -12.65
CA HIS A 251 -27.04 21.09 -14.03
C HIS A 251 -25.53 21.07 -14.15
N LEU A 252 -24.88 21.89 -13.32
CA LEU A 252 -23.42 21.87 -13.19
C LEU A 252 -22.89 20.46 -12.96
N ILE A 253 -23.55 19.70 -12.10
CA ILE A 253 -23.15 18.32 -11.82
C ILE A 253 -23.30 17.46 -13.05
N SER A 254 -24.44 17.59 -13.74
CA SER A 254 -24.68 16.83 -14.97
C SER A 254 -23.71 17.18 -16.09
N ARG A 255 -23.24 18.44 -16.08
CA ARG A 255 -22.25 18.92 -17.04
C ARG A 255 -20.81 18.42 -16.75
N ILE A 256 -20.56 18.07 -15.49
CA ILE A 256 -19.23 17.60 -15.07
C ILE A 256 -19.14 16.09 -15.21
N PHE A 257 -20.19 15.39 -14.82
CA PHE A 257 -20.21 13.95 -14.85
C PHE A 257 -20.68 13.44 -16.22
N VAL A 258 -19.74 13.49 -17.16
CA VAL A 258 -19.92 13.04 -18.51
C VAL A 258 -18.65 12.26 -18.85
N ALA A 259 -18.80 11.01 -19.27
CA ALA A 259 -17.66 10.12 -19.54
C ALA A 259 -16.75 10.62 -20.66
N ASP A 260 -17.36 11.19 -21.70
CA ASP A 260 -16.60 11.68 -22.81
C ASP A 260 -15.88 12.97 -22.39
N PRO A 261 -14.54 12.92 -22.31
CA PRO A 261 -13.79 14.12 -21.93
C PRO A 261 -14.14 15.35 -22.76
N ALA A 262 -14.45 15.12 -24.04
CA ALA A 262 -14.61 16.21 -25.01
C ALA A 262 -15.91 16.98 -24.75
N LYS A 263 -16.94 16.28 -24.30
CA LYS A 263 -18.18 16.93 -23.96
C LYS A 263 -18.21 17.45 -22.52
N ARG A 264 -17.18 17.17 -21.73
CA ARG A 264 -17.19 17.58 -20.33
C ARG A 264 -16.91 19.06 -20.21
N ILE A 265 -17.57 19.69 -19.23
CA ILE A 265 -17.48 21.11 -19.05
C ILE A 265 -16.07 21.44 -18.62
N SER A 266 -15.55 22.57 -19.06
CA SER A 266 -14.19 23.00 -18.70
C SER A 266 -14.16 23.98 -17.51
N ILE A 267 -12.97 24.20 -16.95
CA ILE A 267 -12.80 25.07 -15.77
C ILE A 267 -13.26 26.47 -16.10
N PRO A 268 -12.81 27.03 -17.23
CA PRO A 268 -13.27 28.41 -17.50
C PRO A 268 -14.79 28.47 -17.67
N GLU A 269 -15.35 27.46 -18.36
CA GLU A 269 -16.79 27.26 -18.48
C GLU A 269 -17.49 27.20 -17.12
N ILE A 270 -16.92 26.44 -16.17
CA ILE A 270 -17.43 26.40 -14.80
C ILE A 270 -17.40 27.79 -14.18
N ARG A 271 -16.34 28.54 -14.43
CA ARG A 271 -16.19 29.84 -13.83
C ARG A 271 -17.28 30.79 -14.30
N ASN A 272 -17.83 30.58 -15.50
CA ASN A 272 -18.96 31.39 -16.05
C ASN A 272 -20.36 30.79 -15.85
N HIS A 273 -20.46 29.67 -15.18
CA HIS A 273 -21.74 29.05 -14.94
C HIS A 273 -22.49 29.81 -13.82
N GLU A 274 -23.81 29.83 -13.92
CA GLU A 274 -24.69 30.57 -12.98
C GLU A 274 -24.47 30.20 -11.53
N TRP A 275 -24.62 28.92 -11.22
CA TRP A 275 -24.38 28.43 -9.87
C TRP A 275 -23.08 28.91 -9.26
N PHE A 276 -22.02 28.93 -10.07
CA PHE A 276 -20.69 29.28 -9.58
C PHE A 276 -20.64 30.77 -9.27
N LEU A 277 -21.18 31.54 -10.21
CA LEU A 277 -21.14 33.00 -10.15
C LEU A 277 -21.90 33.59 -8.95
N LYS A 278 -22.95 32.91 -8.50
CA LYS A 278 -23.75 33.42 -7.39
C LYS A 278 -22.94 33.51 -6.11
N ASN A 279 -22.98 34.68 -5.46
CA ASN A 279 -22.23 34.97 -4.21
C ASN A 279 -20.72 34.73 -4.32
N LEU A 280 -20.16 34.94 -5.51
CA LEU A 280 -18.73 34.76 -5.73
C LEU A 280 -17.98 36.00 -5.27
N PRO A 281 -17.13 35.89 -4.24
CA PRO A 281 -16.34 37.05 -3.81
C PRO A 281 -15.47 37.67 -4.90
N ALA A 282 -15.09 38.92 -4.67
CA ALA A 282 -14.36 39.71 -5.67
C ALA A 282 -12.95 39.20 -5.90
N ASP A 283 -12.26 38.79 -4.83
CA ASP A 283 -10.88 38.35 -4.96
C ASP A 283 -10.75 37.04 -5.76
N LEU A 284 -11.77 36.17 -5.65
CA LEU A 284 -11.82 34.94 -6.44
C LEU A 284 -12.24 35.17 -7.91
N MET A 285 -12.32 36.43 -8.35
CA MET A 285 -12.51 36.78 -9.77
C MET A 285 -11.18 37.15 -10.42
N ASN A 286 -10.15 36.35 -10.11
CA ASN A 286 -8.81 36.66 -10.53
C ASN A 286 -8.43 35.92 -11.80
N ASP A 287 -8.03 36.66 -12.83
CA ASP A 287 -7.53 36.05 -14.05
C ASP A 287 -6.07 35.54 -13.87
N ASN A 288 -5.09 36.47 -13.86
CA ASN A 288 -3.66 36.12 -13.84
C ASN A 288 -3.19 35.37 -12.58
N THR A 289 -2.13 34.58 -12.74
CA THR A 289 -1.59 33.81 -11.62
C THR A 289 -0.67 34.69 -10.78
N MET A 290 -0.17 35.78 -11.35
CA MET A 290 0.78 36.63 -10.64
C MET A 290 0.17 37.61 -9.63
N THR A 291 -1.15 37.76 -9.61
CA THR A 291 -1.78 38.66 -8.63
C THR A 291 -2.19 37.89 -7.38
N THR A 292 -2.43 36.59 -7.55
CA THR A 292 -2.48 35.64 -6.44
C THR A 292 -1.22 35.69 -5.56
N GLN A 293 -0.06 35.68 -6.19
CA GLN A 293 1.21 35.61 -5.46
C GLN A 293 1.40 36.88 -4.60
N PHE A 294 1.13 38.04 -5.18
CA PHE A 294 1.26 39.29 -4.45
C PHE A 294 0.16 39.45 -3.39
N ALA A 295 -1.02 38.86 -3.67
CA ALA A 295 -2.18 38.88 -2.77
C ALA A 295 -1.93 38.33 -1.36
N ALA A 296 -1.09 37.30 -1.21
CA ALA A 296 -0.84 36.70 0.12
C ALA A 296 0.49 37.13 0.74
N SER A 297 1.26 37.96 0.03
CA SER A 297 2.60 38.34 0.44
C SER A 297 2.63 39.40 1.54
N GLN A 302 11.17 32.83 4.16
CA GLN A 302 12.46 32.19 3.93
C GLN A 302 12.92 32.30 2.47
N SER A 303 14.14 32.83 2.31
CA SER A 303 14.72 33.16 1.01
C SER A 303 15.35 31.94 0.35
N ILE A 304 15.51 32.00 -0.97
CA ILE A 304 16.05 30.88 -1.74
C ILE A 304 17.48 30.57 -1.31
N GLU A 305 18.23 31.59 -0.92
CA GLU A 305 19.60 31.39 -0.43
C GLU A 305 19.64 30.61 0.87
N GLU A 306 18.69 30.87 1.75
CA GLU A 306 18.56 30.12 3.01
C GLU A 306 18.22 28.66 2.74
N ILE A 307 17.25 28.41 1.88
CA ILE A 307 16.82 27.04 1.50
C ILE A 307 17.99 26.26 0.87
N MET A 308 18.73 26.94 -0.01
CA MET A 308 19.86 26.33 -0.70
C MET A 308 21.03 26.03 0.25
N GLN A 309 21.29 26.94 1.18
CA GLN A 309 22.36 26.76 2.20
C GLN A 309 22.06 25.55 3.10
N ILE A 310 20.79 25.35 3.45
CA ILE A 310 20.36 24.27 4.35
C ILE A 310 20.31 22.91 3.67
N ILE A 311 19.86 22.86 2.42
CA ILE A 311 19.89 21.61 1.65
C ILE A 311 21.35 21.16 1.42
N ALA A 312 22.27 22.12 1.37
CA ALA A 312 23.70 21.82 1.24
C ALA A 312 24.22 21.11 2.49
N GLU A 313 24.00 21.74 3.65
CA GLU A 313 24.40 21.15 4.92
C GLU A 313 23.65 19.85 5.22
N ALA A 314 22.55 19.61 4.50
CA ALA A 314 21.73 18.41 4.68
C ALA A 314 22.28 17.15 4.01
N THR A 315 23.12 17.30 2.99
CA THR A 315 23.71 16.13 2.33
C THR A 315 24.74 15.40 3.22
N VAL A 316 25.09 16.00 4.36
CA VAL A 316 26.08 15.45 5.30
C VAL A 316 25.41 14.62 6.42
N PRO A 317 25.57 13.26 6.39
CA PRO A 317 24.83 12.35 7.33
C PRO A 317 25.19 12.46 8.82
N SER B 19 25.12 -35.98 4.70
CA SER B 19 25.40 -35.47 6.07
C SER B 19 24.30 -34.54 6.54
N VAL B 20 23.78 -33.73 5.62
CA VAL B 20 22.61 -32.89 5.89
C VAL B 20 21.35 -33.66 5.55
N TYR B 21 21.49 -34.72 4.77
CA TYR B 21 20.38 -35.54 4.35
C TYR B 21 20.15 -36.78 5.24
N GLU B 22 20.77 -36.81 6.41
CA GLU B 22 20.61 -37.94 7.33
C GLU B 22 20.39 -37.48 8.78
N LEU B 23 19.77 -36.31 8.93
CA LEU B 23 19.47 -35.72 10.25
C LEU B 23 18.55 -34.52 10.02
N ASP B 24 17.37 -34.56 10.60
CA ASP B 24 16.41 -33.47 10.56
C ASP B 24 16.89 -32.27 11.38
N CYS B 25 16.43 -31.08 11.00
CA CYS B 25 16.81 -29.87 11.71
C CYS B 25 15.73 -29.48 12.73
N ILE B 26 16.15 -28.74 13.75
CA ILE B 26 15.23 -28.24 14.76
C ILE B 26 14.67 -26.88 14.30
N PRO B 27 13.35 -26.77 14.21
CA PRO B 27 12.79 -25.50 13.83
C PRO B 27 12.95 -24.43 14.90
N LEU B 28 13.73 -23.40 14.59
CA LEU B 28 13.89 -22.20 15.43
C LEU B 28 13.21 -20.97 14.79
N TRP B 29 12.17 -20.47 15.44
CA TRP B 29 11.37 -19.40 14.86
C TRP B 29 10.63 -18.57 15.92
N GLY B 30 10.25 -17.36 15.52
CA GLY B 30 9.42 -16.50 16.34
C GLY B 30 8.51 -15.69 15.44
N THR B 31 7.38 -15.25 15.95
CA THR B 31 6.42 -14.61 15.10
C THR B 31 5.72 -13.43 15.78
N VAL B 32 5.48 -12.38 15.00
CA VAL B 32 4.62 -11.28 15.40
C VAL B 32 3.56 -11.10 14.34
N SER B 33 2.32 -10.91 14.76
CA SER B 33 1.26 -10.54 13.84
C SER B 33 0.27 -9.63 14.57
N ILE B 34 0.35 -8.34 14.27
CA ILE B 34 -0.43 -7.30 14.98
C ILE B 34 -1.29 -6.45 14.03
N GLN B 35 -2.28 -5.77 14.59
CA GLN B 35 -3.23 -5.00 13.79
C GLN B 35 -2.71 -3.64 13.40
N GLY B 36 -1.78 -3.11 14.17
CA GLY B 36 -1.18 -1.82 13.85
C GLY B 36 -2.21 -0.70 13.93
N ASN B 37 -2.10 0.27 13.02
CA ASN B 37 -3.03 1.40 13.02
C ASN B 37 -4.32 1.17 12.23
N ARG B 38 -4.54 -0.02 11.71
CA ARG B 38 -5.68 -0.24 10.83
C ARG B 38 -6.91 -0.59 11.64
N SER B 39 -8.08 -0.38 11.03
CA SER B 39 -9.38 -0.67 11.66
C SER B 39 -9.62 -2.15 11.82
N GLU B 40 -9.11 -2.94 10.88
CA GLU B 40 -9.23 -4.39 10.95
C GLU B 40 -7.86 -5.06 10.88
N MET B 41 -7.84 -6.33 11.24
CA MET B 41 -6.69 -7.19 11.03
C MET B 41 -7.02 -8.08 9.89
N GLU B 42 -6.34 -7.92 8.76
CA GLU B 42 -6.61 -8.77 7.61
C GLU B 42 -5.37 -9.58 7.20
N ASP B 43 -4.29 -9.39 7.96
CA ASP B 43 -3.11 -10.19 7.90
C ASP B 43 -3.46 -11.47 8.64
N ALA B 44 -2.86 -12.59 8.23
CA ALA B 44 -2.91 -13.85 8.96
C ALA B 44 -1.58 -14.58 8.75
N PHE B 45 -1.29 -15.59 9.57
CA PHE B 45 -0.04 -16.32 9.36
C PHE B 45 -0.25 -17.76 9.76
N ALA B 46 0.72 -18.62 9.46
CA ALA B 46 0.62 -20.00 9.93
C ALA B 46 1.98 -20.61 10.03
N VAL B 47 2.27 -21.25 11.15
CA VAL B 47 3.55 -21.91 11.30
C VAL B 47 3.24 -23.31 11.72
N SER B 48 3.62 -24.29 10.92
CA SER B 48 3.34 -25.69 11.25
C SER B 48 4.63 -26.48 11.16
N PRO B 49 5.35 -26.57 12.29
CA PRO B 49 6.59 -27.28 12.33
C PRO B 49 6.34 -28.79 12.37
N HIS B 50 7.29 -29.54 11.85
CA HIS B 50 7.20 -30.99 11.74
C HIS B 50 5.96 -31.42 10.98
N PHE B 51 5.48 -30.57 10.08
CA PHE B 51 4.16 -30.76 9.52
C PHE B 51 4.13 -31.79 8.42
N LEU B 52 5.13 -31.83 7.58
CA LEU B 52 5.11 -32.81 6.50
C LEU B 52 6.45 -33.45 6.23
N LYS B 53 6.38 -34.62 5.59
CA LYS B 53 7.53 -35.46 5.32
C LYS B 53 7.83 -35.41 3.82
N LEU B 54 9.03 -34.98 3.48
CA LEU B 54 9.38 -34.73 2.11
C LEU B 54 10.26 -35.84 1.54
N PRO B 55 9.75 -36.58 0.52
CA PRO B 55 10.53 -37.61 -0.12
C PRO B 55 11.84 -37.04 -0.53
N ILE B 56 12.90 -37.76 -0.19
CA ILE B 56 14.27 -37.26 -0.29
C ILE B 56 14.64 -36.94 -1.74
N LYS B 57 14.02 -37.64 -2.68
CA LYS B 57 14.33 -37.43 -4.10
C LYS B 57 13.93 -36.01 -4.58
N MET B 58 12.96 -35.39 -3.89
CA MET B 58 12.55 -34.01 -4.13
C MET B 58 13.54 -32.97 -3.62
N LEU B 59 14.61 -33.41 -2.96
CA LEU B 59 15.59 -32.46 -2.47
C LEU B 59 16.99 -32.79 -2.92
N MET B 60 17.25 -34.09 -3.08
CA MET B 60 18.60 -34.62 -3.32
C MET B 60 18.93 -34.79 -4.81
N GLY B 61 18.12 -35.58 -5.50
CA GLY B 61 18.36 -35.89 -6.91
C GLY B 61 17.74 -37.21 -7.34
N ASP B 62 18.47 -37.95 -8.19
CA ASP B 62 18.02 -39.17 -8.91
C ASP B 62 16.58 -39.63 -8.64
N PRO B 68 23.75 -42.31 2.05
CA PRO B 68 23.15 -41.13 2.70
C PRO B 68 21.63 -41.27 2.86
N SER B 69 21.19 -42.44 3.29
CA SER B 69 19.76 -42.74 3.33
C SER B 69 19.01 -42.04 4.48
N LEU B 70 17.81 -41.58 4.14
CA LEU B 70 16.79 -41.02 5.02
C LEU B 70 15.68 -40.77 4.02
N THR B 71 14.66 -41.60 4.02
CA THR B 71 13.72 -41.60 2.91
C THR B 71 12.89 -40.31 2.82
N HIS B 72 12.74 -39.61 3.94
CA HIS B 72 12.02 -38.35 3.96
C HIS B 72 12.67 -37.36 4.94
N LEU B 73 12.69 -36.08 4.57
CA LEU B 73 13.09 -35.00 5.47
C LEU B 73 11.85 -34.34 6.02
N THR B 74 11.89 -34.01 7.31
CA THR B 74 10.82 -33.26 7.94
C THR B 74 10.89 -31.83 7.45
N GLY B 75 9.73 -31.37 6.97
CA GLY B 75 9.56 -30.02 6.45
C GLY B 75 8.65 -29.18 7.34
N HIS B 76 9.21 -28.06 7.78
CA HIS B 76 8.50 -27.09 8.60
C HIS B 76 7.87 -26.01 7.70
N PHE B 77 6.58 -25.81 7.86
CA PHE B 77 5.81 -24.89 7.07
C PHE B 77 5.71 -23.53 7.70
N PHE B 78 6.10 -22.49 6.99
CA PHE B 78 5.81 -21.12 7.45
C PHE B 78 5.00 -20.32 6.42
N GLY B 79 4.01 -19.58 6.86
CA GLY B 79 3.15 -18.83 5.93
C GLY B 79 2.68 -17.47 6.43
N VAL B 80 2.79 -16.45 5.57
CA VAL B 80 2.19 -15.13 5.83
C VAL B 80 1.20 -14.78 4.72
N TYR B 81 0.05 -14.29 5.13
CA TYR B 81 -1.05 -14.09 4.24
C TYR B 81 -1.59 -12.70 4.51
N ASP B 82 -1.30 -11.76 3.59
CA ASP B 82 -1.72 -10.39 3.77
C ASP B 82 -2.97 -10.09 2.97
N GLY B 83 -4.11 -10.05 3.65
CA GLY B 83 -5.42 -9.94 3.02
C GLY B 83 -5.82 -8.53 2.61
N HIS B 84 -6.75 -8.44 1.66
CA HIS B 84 -7.31 -7.17 1.25
C HIS B 84 -8.78 -7.31 0.86
N GLY B 85 -9.55 -6.26 1.10
CA GLY B 85 -10.98 -6.28 0.82
C GLY B 85 -11.80 -6.97 1.88
N GLY B 86 -11.14 -7.44 2.95
CA GLY B 86 -11.79 -8.30 3.92
C GLY B 86 -10.73 -9.22 4.54
N HIS B 87 -11.16 -10.12 5.42
CA HIS B 87 -10.26 -11.04 6.09
C HIS B 87 -10.45 -12.52 5.70
N LYS B 88 -11.58 -12.87 5.09
CA LYS B 88 -11.92 -14.27 4.83
C LYS B 88 -10.86 -15.08 4.10
N VAL B 89 -10.27 -14.49 3.08
CA VAL B 89 -9.31 -15.22 2.24
C VAL B 89 -7.95 -15.40 2.93
N ALA B 90 -7.50 -14.38 3.66
CA ALA B 90 -6.26 -14.50 4.45
C ALA B 90 -6.45 -15.55 5.52
N ASP B 91 -7.62 -15.55 6.16
CA ASP B 91 -7.93 -16.50 7.21
C ASP B 91 -8.06 -17.89 6.64
N TYR B 92 -8.70 -18.00 5.48
CA TYR B 92 -8.82 -19.30 4.82
C TYR B 92 -7.46 -19.88 4.47
N CYS B 93 -6.54 -19.05 4.00
CA CYS B 93 -5.19 -19.52 3.73
C CYS B 93 -4.53 -20.07 4.99
N ARG B 94 -4.67 -19.31 6.08
CA ARG B 94 -4.18 -19.72 7.37
C ARG B 94 -4.65 -21.13 7.74
N ASP B 95 -5.94 -21.38 7.59
CA ASP B 95 -6.52 -22.65 7.99
C ASP B 95 -6.34 -23.77 6.99
N ARG B 96 -6.03 -23.48 5.73
CA ARG B 96 -6.10 -24.52 4.71
C ARG B 96 -4.79 -24.79 3.96
N LEU B 97 -4.14 -23.72 3.51
CA LEU B 97 -3.09 -23.86 2.51
C LEU B 97 -2.09 -25.01 2.77
N HIS B 98 -1.61 -25.13 4.00
CA HIS B 98 -0.61 -26.16 4.35
C HIS B 98 -1.17 -27.56 4.14
N PHE B 99 -2.44 -27.73 4.48
CA PHE B 99 -3.11 -28.98 4.24
C PHE B 99 -3.24 -29.22 2.74
N ALA B 100 -3.62 -28.18 1.98
CA ALA B 100 -3.67 -28.29 0.52
C ALA B 100 -2.30 -28.70 -0.04
N LEU B 101 -1.22 -28.09 0.47
CA LEU B 101 0.14 -28.40 0.04
C LEU B 101 0.49 -29.87 0.34
N ALA B 102 0.15 -30.33 1.54
CA ALA B 102 0.33 -31.72 1.92
C ALA B 102 -0.33 -32.67 0.91
N GLU B 103 -1.59 -32.38 0.58
CA GLU B 103 -2.33 -33.19 -0.39
C GLU B 103 -1.58 -33.27 -1.73
N GLU B 104 -0.99 -32.16 -2.15
CA GLU B 104 -0.32 -32.13 -3.44
C GLU B 104 0.97 -32.92 -3.38
N ILE B 105 1.62 -32.93 -2.23
CA ILE B 105 2.83 -33.71 -2.06
C ILE B 105 2.43 -35.18 -2.23
N GLU B 106 1.34 -35.58 -1.59
CA GLU B 106 0.85 -36.93 -1.77
C GLU B 106 0.48 -37.23 -3.22
N ARG B 107 -0.18 -36.29 -3.90
CA ARG B 107 -0.53 -36.48 -5.31
C ARG B 107 0.70 -36.74 -6.16
N ILE B 108 1.79 -36.04 -5.87
CA ILE B 108 3.00 -36.18 -6.67
C ILE B 108 3.82 -37.44 -6.28
N LYS B 109 3.20 -38.34 -5.51
CA LYS B 109 3.67 -39.73 -5.41
C LYS B 109 2.81 -40.60 -6.35
N ASP B 110 2.49 -40.02 -7.51
CA ASP B 110 2.13 -40.74 -8.73
C ASP B 110 3.22 -40.38 -9.76
N GLU B 111 4.25 -39.69 -9.27
CA GLU B 111 5.53 -39.57 -9.97
C GLU B 111 6.42 -40.74 -9.60
N LEU B 112 6.00 -41.51 -8.59
CA LEU B 112 6.74 -42.69 -8.14
C LEU B 112 6.75 -43.75 -9.26
N CYS B 113 6.40 -43.30 -10.47
CA CYS B 113 6.37 -44.13 -11.67
C CYS B 113 7.26 -43.49 -12.74
N LYS B 114 6.81 -42.34 -13.26
CA LYS B 114 7.41 -41.73 -14.44
C LYS B 114 8.73 -41.03 -14.08
N GLU B 119 13.13 -33.35 -15.75
CA GLU B 119 12.14 -33.05 -14.72
C GLU B 119 12.86 -32.84 -13.38
N GLY B 120 13.58 -31.72 -13.28
CA GLY B 120 14.42 -31.44 -12.13
C GLY B 120 13.62 -31.08 -10.89
N ARG B 121 14.30 -30.74 -9.81
CA ARG B 121 13.60 -30.42 -8.58
C ARG B 121 12.77 -29.13 -8.72
N GLN B 122 13.36 -28.12 -9.33
CA GLN B 122 12.68 -26.84 -9.48
C GLN B 122 11.31 -27.03 -10.08
N VAL B 123 11.28 -27.79 -11.15
CA VAL B 123 10.05 -28.01 -11.87
C VAL B 123 9.05 -28.73 -11.01
N GLN B 124 9.50 -29.73 -10.27
CA GLN B 124 8.64 -30.48 -9.34
C GLN B 124 7.96 -29.58 -8.29
N TRP B 125 8.76 -28.77 -7.60
CA TRP B 125 8.25 -27.84 -6.59
C TRP B 125 7.32 -26.78 -7.17
N ASP B 126 7.79 -26.13 -8.24
CA ASP B 126 6.99 -25.15 -8.96
C ASP B 126 5.64 -25.80 -9.25
N LYS B 127 5.67 -27.04 -9.67
CA LYS B 127 4.46 -27.73 -10.05
C LYS B 127 3.56 -27.96 -8.84
N VAL B 128 4.12 -28.53 -7.79
CA VAL B 128 3.34 -28.80 -6.55
C VAL B 128 2.79 -27.51 -5.92
N PHE B 129 3.62 -26.48 -5.84
CA PHE B 129 3.11 -25.20 -5.31
C PHE B 129 2.04 -24.46 -6.15
N THR B 130 2.16 -24.51 -7.47
CA THR B 130 1.12 -23.99 -8.36
C THR B 130 -0.23 -24.69 -8.20
N SER B 131 -0.21 -26.01 -8.07
CA SER B 131 -1.47 -26.76 -7.90
C SER B 131 -2.10 -26.46 -6.55
N CYS B 132 -1.24 -26.34 -5.53
CA CYS B 132 -1.68 -25.98 -4.17
C CYS B 132 -2.34 -24.61 -4.13
N PHE B 133 -1.63 -23.58 -4.60
CA PHE B 133 -2.19 -22.20 -4.64
C PHE B 133 -3.47 -22.14 -5.49
N LEU B 134 -3.44 -22.83 -6.63
CA LEU B 134 -4.62 -22.89 -7.50
C LEU B 134 -5.78 -23.60 -6.85
N THR B 135 -5.53 -24.67 -6.11
CA THR B 135 -6.60 -25.40 -5.45
C THR B 135 -7.32 -24.50 -4.44
N VAL B 136 -6.54 -23.84 -3.61
CA VAL B 136 -7.08 -22.92 -2.62
C VAL B 136 -7.92 -21.84 -3.29
N ASP B 137 -7.40 -21.30 -4.39
CA ASP B 137 -8.11 -20.24 -5.11
C ASP B 137 -9.50 -20.74 -5.53
N GLY B 138 -9.51 -21.93 -6.10
CA GLY B 138 -10.73 -22.59 -6.54
C GLY B 138 -11.71 -22.84 -5.41
N GLU B 139 -11.19 -23.31 -4.27
CA GLU B 139 -12.00 -23.52 -3.09
C GLU B 139 -12.63 -22.19 -2.65
N ILE B 140 -11.86 -21.11 -2.71
CA ILE B 140 -12.37 -19.78 -2.34
C ILE B 140 -13.53 -19.36 -3.26
N GLU B 141 -13.46 -19.63 -4.56
CA GLU B 141 -14.53 -19.18 -5.46
C GLU B 141 -15.69 -20.14 -5.58
N GLY B 142 -15.59 -21.28 -4.91
CA GLY B 142 -16.66 -22.25 -4.94
C GLY B 142 -16.70 -23.07 -6.21
N LYS B 143 -15.55 -23.27 -6.85
CA LYS B 143 -15.43 -24.15 -8.02
C LYS B 143 -14.74 -25.48 -7.68
N ILE B 144 -14.14 -25.57 -6.49
CA ILE B 144 -13.57 -26.82 -5.99
C ILE B 144 -14.18 -27.12 -4.63
N GLY B 145 -14.50 -28.41 -4.41
CA GLY B 145 -15.17 -28.86 -3.19
C GLY B 145 -14.29 -28.85 -1.95
N ARG B 146 -14.85 -28.39 -0.85
CA ARG B 146 -14.13 -28.21 0.43
C ARG B 146 -14.96 -28.73 1.62
N ALA B 147 -14.30 -28.91 2.77
CA ALA B 147 -14.95 -29.45 3.99
C ALA B 147 -15.77 -28.40 4.72
N VAL B 148 -16.90 -28.80 5.29
CA VAL B 148 -17.71 -27.91 6.15
C VAL B 148 -18.40 -28.70 7.28
N VAL B 149 -18.46 -28.09 8.46
CA VAL B 149 -19.07 -28.73 9.64
C VAL B 149 -20.59 -28.87 9.50
N ASP B 153 -21.39 -33.77 1.84
CA ASP B 153 -20.40 -33.61 2.89
C ASP B 153 -19.15 -32.84 2.45
N LYS B 154 -18.82 -32.90 1.17
CA LYS B 154 -17.73 -32.11 0.56
C LYS B 154 -18.31 -31.03 -0.38
N VAL B 155 -18.83 -29.95 0.19
CA VAL B 155 -19.68 -29.00 -0.54
C VAL B 155 -18.93 -27.97 -1.40
N LEU B 156 -19.67 -27.37 -2.34
CA LEU B 156 -19.18 -26.26 -3.16
C LEU B 156 -19.83 -24.99 -2.61
N GLU B 157 -19.02 -24.20 -1.91
CA GLU B 157 -19.47 -22.95 -1.31
C GLU B 157 -18.32 -21.92 -1.38
N ALA B 158 -18.59 -20.73 -1.88
CA ALA B 158 -17.61 -19.65 -1.85
C ALA B 158 -17.23 -19.35 -0.43
N VAL B 159 -15.98 -18.94 -0.24
CA VAL B 159 -15.43 -18.56 1.06
C VAL B 159 -15.59 -17.04 1.33
N ALA B 160 -15.59 -16.23 0.28
CA ALA B 160 -15.67 -14.77 0.40
C ALA B 160 -16.20 -14.10 -0.89
N SER B 161 -16.50 -12.81 -0.77
CA SER B 161 -16.91 -11.99 -1.93
C SER B 161 -15.85 -12.01 -3.03
N GLU B 162 -16.24 -11.57 -4.20
CA GLU B 162 -15.34 -11.56 -5.34
C GLU B 162 -14.23 -10.53 -5.25
N THR B 163 -14.39 -9.49 -4.43
CA THR B 163 -13.38 -8.44 -4.34
C THR B 163 -12.43 -8.60 -3.17
N VAL B 164 -12.62 -9.65 -2.36
CA VAL B 164 -11.67 -9.89 -1.27
C VAL B 164 -10.64 -10.90 -1.71
N GLY B 165 -9.40 -10.65 -1.33
CA GLY B 165 -8.29 -11.54 -1.66
C GLY B 165 -7.16 -11.44 -0.65
N SER B 166 -6.03 -12.06 -0.95
CA SER B 166 -4.87 -12.03 -0.05
C SER B 166 -3.59 -12.34 -0.76
N THR B 167 -2.46 -11.83 -0.25
CA THR B 167 -1.15 -12.35 -0.66
C THR B 167 -0.87 -13.67 0.04
N ALA B 168 0.15 -14.37 -0.40
CA ALA B 168 0.62 -15.58 0.26
C ALA B 168 2.11 -15.74 -0.02
N VAL B 169 2.92 -15.74 1.04
CA VAL B 169 4.31 -16.15 0.92
C VAL B 169 4.53 -17.25 1.94
N VAL B 170 5.06 -18.38 1.45
CA VAL B 170 5.27 -19.55 2.27
C VAL B 170 6.69 -20.07 2.07
N ALA B 171 7.22 -20.65 3.14
CA ALA B 171 8.56 -21.21 3.12
C ALA B 171 8.49 -22.59 3.76
N LEU B 172 9.06 -23.54 3.05
CA LEU B 172 9.27 -24.88 3.53
C LEU B 172 10.71 -24.90 3.91
N VAL B 173 11.01 -25.15 5.17
CA VAL B 173 12.40 -25.35 5.54
C VAL B 173 12.59 -26.80 5.97
N CYS B 174 13.62 -27.43 5.41
CA CYS B 174 14.10 -28.72 5.86
C CYS B 174 15.60 -28.58 6.06
N SER B 175 16.28 -29.68 6.35
CA SER B 175 17.71 -29.64 6.64
C SER B 175 18.50 -29.16 5.45
N SER B 176 18.10 -29.62 4.26
CA SER B 176 18.90 -29.43 3.06
C SER B 176 18.48 -28.19 2.28
N HIS B 177 17.18 -27.91 2.25
CA HIS B 177 16.69 -26.87 1.37
C HIS B 177 15.65 -25.95 1.98
N ILE B 178 15.58 -24.75 1.41
CA ILE B 178 14.46 -23.84 1.65
C ILE B 178 13.65 -23.76 0.36
N VAL B 179 12.34 -23.83 0.45
CA VAL B 179 11.52 -23.63 -0.72
C VAL B 179 10.55 -22.53 -0.41
N VAL B 180 10.59 -21.44 -1.19
CA VAL B 180 9.67 -20.31 -1.06
C VAL B 180 8.78 -20.22 -2.29
N SER B 181 7.51 -19.96 -2.04
CA SER B 181 6.50 -19.87 -3.04
C SER B 181 5.74 -18.58 -2.76
N ASN B 182 5.88 -17.60 -3.66
CA ASN B 182 5.35 -16.28 -3.41
C ASN B 182 4.25 -15.87 -4.38
N CYS B 183 3.28 -15.15 -3.84
CA CYS B 183 2.16 -14.65 -4.62
C CYS B 183 1.65 -13.36 -3.98
N GLY B 184 2.02 -12.22 -4.54
CA GLY B 184 1.64 -10.90 -4.04
C GLY B 184 2.86 -10.14 -3.58
N ASP B 185 2.65 -9.17 -2.69
CA ASP B 185 3.68 -8.21 -2.25
C ASP B 185 4.21 -8.46 -0.83
N SER B 186 3.91 -9.60 -0.23
CA SER B 186 4.66 -10.05 0.93
C SER B 186 5.92 -10.70 0.38
N ARG B 187 6.99 -10.75 1.15
CA ARG B 187 8.20 -11.35 0.64
C ARG B 187 9.01 -12.03 1.72
N ALA B 188 9.89 -12.94 1.25
CA ALA B 188 10.79 -13.73 2.08
C ALA B 188 12.23 -13.33 1.75
N VAL B 189 13.05 -13.13 2.77
CA VAL B 189 14.41 -12.67 2.58
C VAL B 189 15.39 -13.56 3.36
N LEU B 190 16.41 -14.07 2.68
CA LEU B 190 17.44 -14.91 3.30
C LEU B 190 18.67 -14.08 3.56
N PHE B 191 19.25 -14.24 4.75
CA PHE B 191 20.51 -13.60 5.07
C PHE B 191 21.65 -14.63 5.02
N ARG B 192 22.51 -14.53 4.00
CA ARG B 192 23.57 -15.50 3.75
C ARG B 192 24.93 -14.82 3.93
N GLY B 193 25.50 -15.03 5.10
CA GLY B 193 26.77 -14.41 5.45
C GLY B 193 26.56 -12.98 5.87
N LYS B 194 26.81 -12.07 4.94
CA LYS B 194 26.72 -10.62 5.18
C LYS B 194 25.81 -9.86 4.20
N GLU B 195 25.40 -10.53 3.12
CA GLU B 195 24.59 -9.93 2.07
C GLU B 195 23.17 -10.52 2.14
N ALA B 196 22.17 -9.65 2.29
CA ALA B 196 20.76 -10.05 2.23
C ALA B 196 20.39 -10.49 0.83
N MET B 197 19.66 -11.58 0.69
CA MET B 197 19.15 -11.98 -0.62
C MET B 197 17.71 -12.43 -0.59
N PRO B 198 16.82 -11.68 -1.25
CA PRO B 198 15.44 -12.07 -1.21
C PRO B 198 15.20 -13.35 -2.00
N LEU B 199 14.23 -14.12 -1.54
CA LEU B 199 13.86 -15.38 -2.17
C LEU B 199 12.50 -15.25 -2.87
N SER B 200 11.99 -14.04 -2.93
CA SER B 200 10.80 -13.73 -3.71
C SER B 200 10.96 -12.31 -4.26
N VAL B 201 10.27 -12.01 -5.36
CA VAL B 201 10.28 -10.66 -5.93
C VAL B 201 8.83 -10.19 -5.89
N ASP B 202 8.59 -8.98 -5.40
CA ASP B 202 7.21 -8.50 -5.22
C ASP B 202 6.47 -8.45 -6.55
N HIS B 203 5.23 -8.98 -6.56
CA HIS B 203 4.37 -8.97 -7.74
C HIS B 203 3.61 -7.66 -7.88
N LYS B 204 4.35 -6.60 -8.18
CA LYS B 204 3.78 -5.28 -8.41
C LYS B 204 3.45 -5.08 -9.89
N PRO B 205 2.31 -4.44 -10.20
CA PRO B 205 1.89 -4.37 -11.59
C PRO B 205 2.85 -3.61 -12.54
N ASP B 206 3.74 -2.79 -12.00
CA ASP B 206 4.68 -2.05 -12.84
C ASP B 206 5.97 -2.79 -13.04
N ARG B 207 6.08 -3.98 -12.44
CA ARG B 207 7.20 -4.86 -12.67
C ARG B 207 7.14 -5.36 -14.12
N GLU B 208 8.27 -5.25 -14.80
CA GLU B 208 8.42 -5.54 -16.24
C GLU B 208 7.57 -6.68 -16.78
N ASP B 209 7.86 -7.90 -16.38
CA ASP B 209 7.13 -9.07 -16.94
C ASP B 209 5.67 -9.05 -16.57
N GLU B 210 5.38 -8.61 -15.36
CA GLU B 210 4.02 -8.55 -14.90
C GLU B 210 3.23 -7.54 -15.72
N TYR B 211 3.73 -6.31 -15.80
CA TYR B 211 3.09 -5.30 -16.64
C TYR B 211 2.78 -5.89 -18.00
N ALA B 212 3.80 -6.46 -18.65
CA ALA B 212 3.66 -7.05 -19.96
C ALA B 212 2.55 -8.10 -20.02
N ARG B 213 2.58 -9.04 -19.08
CA ARG B 213 1.61 -10.12 -19.04
C ARG B 213 0.20 -9.55 -19.03
N ILE B 214 -0.04 -8.56 -18.18
CA ILE B 214 -1.38 -7.99 -18.06
C ILE B 214 -1.82 -7.32 -19.35
N GLU B 215 -1.06 -6.32 -19.77
CA GLU B 215 -1.31 -5.57 -21.01
C GLU B 215 -1.47 -6.49 -22.22
N ASN B 216 -0.52 -7.40 -22.42
CA ASN B 216 -0.63 -8.34 -23.55
C ASN B 216 -1.86 -9.21 -23.43
N ALA B 217 -2.30 -9.52 -22.21
CA ALA B 217 -3.53 -10.29 -21.99
C ALA B 217 -4.82 -9.48 -22.25
N GLY B 218 -4.72 -8.18 -22.49
CA GLY B 218 -5.91 -7.37 -22.72
C GLY B 218 -6.36 -6.57 -21.51
N GLY B 219 -5.60 -6.63 -20.43
CA GLY B 219 -5.94 -5.87 -19.21
C GLY B 219 -5.20 -4.55 -19.15
N LYS B 220 -5.53 -3.73 -18.15
CA LYS B 220 -5.00 -2.38 -18.08
C LYS B 220 -4.32 -2.13 -16.73
N VAL B 221 -3.12 -1.56 -16.75
CA VAL B 221 -2.46 -1.09 -15.53
C VAL B 221 -2.45 0.43 -15.55
N ILE B 222 -3.11 1.04 -14.57
CA ILE B 222 -3.14 2.48 -14.41
C ILE B 222 -2.20 2.90 -13.28
N GLN B 223 -1.70 4.13 -13.37
CA GLN B 223 -0.93 4.79 -12.32
C GLN B 223 -1.83 5.71 -11.47
N TRP B 224 -2.22 5.21 -10.28
CA TRP B 224 -3.08 5.96 -9.35
C TRP B 224 -2.84 5.52 -7.92
N GLN B 225 -2.15 6.36 -7.15
CA GLN B 225 -1.66 6.00 -5.84
C GLN B 225 -0.79 4.74 -6.00
N GLY B 226 0.10 4.77 -6.98
CA GLY B 226 0.87 3.58 -7.35
C GLY B 226 0.27 2.84 -8.53
N ALA B 227 1.08 1.94 -9.10
CA ALA B 227 0.67 1.10 -10.23
C ALA B 227 -0.41 0.14 -9.77
N ARG B 228 -1.56 0.16 -10.43
CA ARG B 228 -2.71 -0.69 -10.09
C ARG B 228 -3.32 -1.40 -11.27
N VAL B 229 -3.68 -2.66 -11.09
CA VAL B 229 -4.46 -3.35 -12.10
C VAL B 229 -5.81 -2.67 -12.13
N PHE B 230 -6.14 -2.11 -13.28
CA PHE B 230 -7.40 -1.42 -13.50
C PHE B 230 -7.68 -0.34 -12.47
N GLY B 231 -6.63 0.33 -12.01
CA GLY B 231 -6.78 1.42 -11.03
C GLY B 231 -7.13 1.03 -9.60
N VAL B 232 -7.17 -0.28 -9.31
CA VAL B 232 -7.65 -0.75 -8.02
C VAL B 232 -6.59 -1.47 -7.17
N LEU B 233 -6.03 -2.55 -7.68
CA LEU B 233 -5.23 -3.46 -6.88
C LEU B 233 -3.74 -3.30 -7.10
N ALA B 234 -3.02 -2.92 -6.07
CA ALA B 234 -1.59 -2.70 -6.15
C ALA B 234 -0.76 -3.98 -6.30
N MET B 235 -1.34 -5.07 -6.78
CA MET B 235 -0.53 -6.26 -7.08
C MET B 235 -1.02 -6.97 -8.33
N SER B 236 -0.13 -7.76 -8.94
CA SER B 236 -0.43 -8.45 -10.17
C SER B 236 -0.79 -9.92 -9.95
N ARG B 237 -0.67 -10.37 -8.71
CA ARG B 237 -0.90 -11.75 -8.35
C ARG B 237 -1.42 -11.81 -6.94
N SER B 238 -2.23 -12.82 -6.67
CA SER B 238 -2.83 -12.98 -5.37
C SER B 238 -3.69 -14.21 -5.37
N ILE B 239 -4.29 -14.47 -4.23
CA ILE B 239 -5.30 -15.50 -4.06
C ILE B 239 -6.62 -14.76 -3.95
N GLY B 240 -7.68 -15.32 -4.54
CA GLY B 240 -8.98 -14.65 -4.57
C GLY B 240 -9.09 -13.59 -5.68
N ASP B 241 -9.78 -12.49 -5.39
CA ASP B 241 -9.95 -11.42 -6.36
C ASP B 241 -10.46 -11.99 -7.68
N ARG B 242 -11.48 -12.83 -7.59
CA ARG B 242 -12.21 -13.32 -8.76
C ARG B 242 -12.40 -12.24 -9.79
N TYR B 243 -12.91 -11.11 -9.33
CA TYR B 243 -13.31 -10.00 -10.19
C TYR B 243 -12.20 -9.46 -11.10
N LEU B 244 -10.93 -9.64 -10.72
CA LEU B 244 -9.82 -9.21 -11.55
C LEU B 244 -9.15 -10.36 -12.29
N LYS B 245 -9.88 -11.44 -12.46
CA LYS B 245 -9.38 -12.57 -13.25
C LYS B 245 -9.70 -12.37 -14.70
N PRO B 246 -8.87 -12.93 -15.59
CA PRO B 246 -7.67 -13.71 -15.32
C PRO B 246 -6.42 -12.85 -15.37
N TYR B 247 -6.56 -11.56 -15.11
CA TYR B 247 -5.41 -10.66 -15.12
C TYR B 247 -4.60 -10.79 -13.83
N VAL B 248 -5.28 -10.83 -12.69
CA VAL B 248 -4.62 -11.14 -11.42
C VAL B 248 -4.68 -12.64 -11.18
N ILE B 249 -3.52 -13.27 -11.15
CA ILE B 249 -3.44 -14.72 -11.18
C ILE B 249 -2.93 -15.24 -9.87
N PRO B 250 -3.33 -16.46 -9.49
CA PRO B 250 -2.80 -17.09 -8.29
C PRO B 250 -1.55 -17.95 -8.53
N GLU B 251 -0.98 -17.95 -9.76
CA GLU B 251 0.23 -18.70 -10.02
C GLU B 251 1.40 -18.12 -9.23
N PRO B 252 1.99 -18.91 -8.34
CA PRO B 252 3.13 -18.46 -7.58
C PRO B 252 4.44 -18.58 -8.33
N GLU B 253 5.46 -17.99 -7.74
CA GLU B 253 6.80 -18.00 -8.28
C GLU B 253 7.67 -18.67 -7.21
N VAL B 254 7.95 -19.94 -7.45
CA VAL B 254 8.59 -20.81 -6.49
C VAL B 254 10.09 -20.69 -6.65
N THR B 255 10.84 -20.58 -5.56
CA THR B 255 12.30 -20.61 -5.68
C THR B 255 12.87 -21.74 -4.81
N PHE B 256 13.87 -22.43 -5.34
CA PHE B 256 14.40 -23.66 -4.74
C PHE B 256 15.83 -23.38 -4.30
N MET B 257 16.04 -23.19 -3.01
CA MET B 257 17.32 -22.70 -2.50
C MET B 257 18.00 -23.73 -1.58
N PRO B 258 19.15 -24.27 -2.00
CA PRO B 258 19.87 -25.16 -1.09
C PRO B 258 20.48 -24.41 0.08
N ARG B 259 20.35 -24.97 1.28
CA ARG B 259 20.89 -24.35 2.48
C ARG B 259 22.41 -24.39 2.46
N SER B 260 23.01 -23.39 3.10
CA SER B 260 24.46 -23.24 3.19
C SER B 260 24.87 -22.92 4.62
N ARG B 261 26.09 -23.30 4.95
CA ARG B 261 26.70 -23.03 6.26
C ARG B 261 26.78 -21.54 6.61
N GLU B 262 26.85 -20.68 5.58
CA GLU B 262 26.86 -19.22 5.77
C GLU B 262 25.49 -18.63 6.16
N ASP B 263 24.42 -19.38 5.91
CA ASP B 263 23.05 -18.91 6.22
C ASP B 263 22.89 -18.51 7.67
N GLU B 264 22.31 -17.32 7.88
CA GLU B 264 22.10 -16.78 9.22
C GLU B 264 20.66 -16.92 9.64
N CYS B 265 19.74 -16.37 8.84
CA CYS B 265 18.31 -16.47 9.11
C CYS B 265 17.43 -16.17 7.90
N LEU B 266 16.15 -16.49 8.05
CA LEU B 266 15.13 -16.32 7.04
C LEU B 266 13.98 -15.52 7.64
N ILE B 267 13.52 -14.49 6.90
CA ILE B 267 12.52 -13.56 7.40
C ILE B 267 11.39 -13.48 6.40
N LEU B 268 10.18 -13.83 6.82
CA LEU B 268 8.98 -13.64 6.03
C LEU B 268 8.18 -12.53 6.68
N ALA B 269 7.62 -11.64 5.87
CA ALA B 269 6.80 -10.59 6.42
C ALA B 269 5.87 -9.99 5.36
N SER B 270 4.79 -9.39 5.85
CA SER B 270 3.90 -8.67 5.00
C SER B 270 4.51 -7.28 4.74
N ASP B 271 3.89 -6.52 3.85
CA ASP B 271 4.38 -5.17 3.49
C ASP B 271 4.35 -4.21 4.67
N GLY B 272 3.60 -4.54 5.72
CA GLY B 272 3.65 -3.77 6.96
C GLY B 272 5.07 -3.54 7.42
N LEU B 273 5.95 -4.51 7.21
CA LEU B 273 7.37 -4.35 7.51
C LEU B 273 8.16 -3.76 6.35
N TRP B 274 8.00 -4.30 5.14
CA TRP B 274 8.88 -3.92 4.00
C TRP B 274 8.62 -2.50 3.49
N ASP B 275 7.44 -1.96 3.78
CA ASP B 275 7.14 -0.59 3.37
C ASP B 275 8.06 0.41 4.08
N VAL B 276 8.55 0.11 5.27
CA VAL B 276 9.40 1.08 5.95
C VAL B 276 10.85 0.63 6.14
N MET B 277 11.21 -0.56 5.69
CA MET B 277 12.58 -1.06 5.91
C MET B 277 13.09 -1.90 4.76
N ASN B 278 14.37 -1.71 4.43
CA ASN B 278 14.98 -2.46 3.33
C ASN B 278 15.47 -3.84 3.76
N ASN B 279 15.72 -4.68 2.77
CA ASN B 279 16.13 -6.04 3.04
C ASN B 279 17.32 -6.11 3.98
N GLN B 280 18.36 -5.36 3.63
CA GLN B 280 19.65 -5.46 4.30
C GLN B 280 19.51 -5.11 5.76
N GLU B 281 18.88 -3.98 6.05
CA GLU B 281 18.79 -3.51 7.43
C GLU B 281 17.92 -4.44 8.30
N VAL B 282 16.88 -5.00 7.71
CA VAL B 282 16.01 -5.95 8.41
C VAL B 282 16.81 -7.17 8.86
N CYS B 283 17.55 -7.76 7.92
CA CYS B 283 18.36 -8.94 8.22
C CYS B 283 19.42 -8.66 9.28
N GLU B 284 20.06 -7.50 9.19
CA GLU B 284 21.16 -7.17 10.09
C GLU B 284 20.61 -6.97 11.48
N ILE B 285 19.58 -6.16 11.58
CA ILE B 285 18.91 -5.96 12.85
C ILE B 285 18.46 -7.30 13.41
N ALA B 286 17.85 -8.15 12.59
CA ALA B 286 17.38 -9.45 13.08
C ALA B 286 18.53 -10.30 13.62
N ARG B 287 19.64 -10.34 12.89
CA ARG B 287 20.81 -11.09 13.32
C ARG B 287 21.40 -10.55 14.60
N ARG B 288 21.43 -9.23 14.75
CA ARG B 288 21.95 -8.61 15.95
C ARG B 288 21.16 -9.09 17.16
N ARG B 289 19.85 -8.87 17.12
CA ARG B 289 18.99 -9.21 18.24
C ARG B 289 19.02 -10.68 18.59
N ILE B 290 19.15 -11.54 17.59
CA ILE B 290 19.28 -12.97 17.86
C ILE B 290 20.56 -13.22 18.66
N LEU B 291 21.67 -12.65 18.18
CA LEU B 291 22.96 -12.77 18.86
C LEU B 291 22.93 -12.06 20.21
N MET B 292 22.21 -10.97 20.27
CA MET B 292 22.11 -10.19 21.49
C MET B 292 21.47 -10.99 22.62
N TRP B 293 20.41 -11.74 22.29
CA TRP B 293 19.71 -12.54 23.28
C TRP B 293 20.58 -13.73 23.70
N HIS B 294 21.23 -14.37 22.73
CA HIS B 294 22.12 -15.51 22.99
C HIS B 294 23.34 -15.13 23.85
N LYS B 295 23.86 -13.93 23.65
CA LYS B 295 25.02 -13.44 24.41
C LYS B 295 24.62 -13.04 25.82
N LYS B 296 23.38 -12.58 26.01
CA LYS B 296 22.89 -12.12 27.32
C LYS B 296 21.91 -13.13 27.97
N ASN B 297 21.88 -14.36 27.46
CA ASN B 297 21.03 -15.42 28.02
C ASN B 297 21.54 -16.83 27.72
N GLY B 298 22.46 -16.97 26.78
CA GLY B 298 23.00 -18.29 26.40
C GLY B 298 21.96 -19.21 25.79
N ALA B 299 22.38 -20.05 24.85
CA ALA B 299 21.46 -20.93 24.14
C ALA B 299 20.81 -21.99 25.07
N PRO B 300 19.48 -22.14 25.00
CA PRO B 300 18.77 -23.09 25.87
C PRO B 300 19.00 -24.58 25.51
N PRO B 301 18.57 -25.50 26.39
CA PRO B 301 18.84 -26.93 26.18
C PRO B 301 18.06 -27.53 25.03
N LEU B 302 18.70 -28.48 24.33
CA LEU B 302 18.11 -29.16 23.17
C LEU B 302 16.69 -29.70 23.37
N ALA B 303 16.35 -30.14 24.58
CA ALA B 303 15.02 -30.69 24.85
C ALA B 303 13.88 -29.69 24.55
N GLU B 304 14.07 -28.44 24.95
CA GLU B 304 13.07 -27.38 24.74
C GLU B 304 12.97 -26.99 23.25
N ARG B 305 14.08 -27.07 22.51
CA ARG B 305 14.16 -26.49 21.17
C ARG B 305 13.12 -27.08 20.22
N GLY B 306 12.56 -26.23 19.35
CA GLY B 306 11.68 -26.69 18.28
C GLY B 306 10.29 -27.10 18.71
N LYS B 307 10.06 -27.16 20.02
CA LYS B 307 8.76 -27.55 20.55
C LYS B 307 7.83 -26.33 20.66
N GLY B 308 8.39 -25.13 20.47
CA GLY B 308 7.61 -23.88 20.39
C GLY B 308 8.51 -22.80 19.81
N ILE B 309 8.26 -21.54 20.19
CA ILE B 309 8.98 -20.42 19.60
C ILE B 309 10.36 -20.28 20.24
N ASP B 310 11.38 -20.04 19.43
CA ASP B 310 12.71 -19.76 19.93
C ASP B 310 12.71 -18.32 20.41
N PRO B 311 12.99 -18.11 21.70
CA PRO B 311 12.95 -16.74 22.23
C PRO B 311 13.90 -15.74 21.55
N ALA B 312 15.08 -16.18 21.11
CA ALA B 312 15.97 -15.26 20.39
C ALA B 312 15.31 -14.77 19.09
N CYS B 313 14.69 -15.67 18.34
CA CYS B 313 13.93 -15.29 17.16
C CYS B 313 12.78 -14.36 17.52
N GLN B 314 12.09 -14.68 18.62
CA GLN B 314 10.95 -13.88 19.06
C GLN B 314 11.41 -12.48 19.42
N ALA B 315 12.61 -12.38 19.97
CA ALA B 315 13.21 -11.11 20.28
C ALA B 315 13.37 -10.30 19.00
N ALA B 316 14.05 -10.89 18.02
CA ALA B 316 14.27 -10.21 16.74
C ALA B 316 12.92 -9.80 16.15
N ALA B 317 11.98 -10.74 16.09
CA ALA B 317 10.67 -10.49 15.51
C ALA B 317 10.03 -9.28 16.21
N ASP B 318 9.91 -9.37 17.53
CA ASP B 318 9.35 -8.29 18.36
C ASP B 318 10.03 -6.95 18.11
N TYR B 319 11.35 -6.96 17.98
CA TYR B 319 12.08 -5.74 17.79
C TYR B 319 11.79 -5.13 16.42
N LEU B 320 11.93 -5.93 15.37
CA LEU B 320 11.65 -5.45 14.02
C LEU B 320 10.23 -4.87 13.99
N SER B 321 9.31 -5.58 14.64
CA SER B 321 7.93 -5.16 14.73
C SER B 321 7.73 -3.76 15.29
N MET B 322 8.38 -3.47 16.43
CA MET B 322 8.26 -2.14 17.04
C MET B 322 9.03 -1.09 16.24
N LEU B 323 10.15 -1.51 15.64
CA LEU B 323 10.91 -0.61 14.78
C LEU B 323 10.00 -0.12 13.64
N ALA B 324 9.33 -1.05 12.96
CA ALA B 324 8.40 -0.70 11.90
C ALA B 324 7.37 0.34 12.37
N LEU B 325 6.79 0.12 13.54
CA LEU B 325 5.76 0.99 14.09
C LEU B 325 6.28 2.41 14.31
N GLN B 326 7.55 2.51 14.69
CA GLN B 326 8.16 3.80 14.94
C GLN B 326 8.60 4.49 13.68
N LYS B 327 8.92 3.70 12.65
CA LYS B 327 9.27 4.25 11.35
C LYS B 327 8.03 4.83 10.65
N GLY B 328 6.85 4.66 11.24
CA GLY B 328 5.62 5.19 10.67
C GLY B 328 4.68 4.23 9.95
N SER B 329 4.97 2.93 9.98
CA SER B 329 4.12 1.95 9.30
C SER B 329 2.74 1.93 9.96
N LYS B 330 1.72 2.02 9.13
CA LYS B 330 0.34 2.14 9.59
C LYS B 330 -0.48 0.93 9.19
N ASP B 331 0.17 -0.08 8.64
CA ASP B 331 -0.51 -1.27 8.14
C ASP B 331 -0.47 -2.34 9.21
N ASN B 332 -1.30 -3.36 9.04
CA ASN B 332 -1.07 -4.63 9.73
C ASN B 332 0.39 -5.06 9.57
N ILE B 333 0.97 -5.68 10.61
CA ILE B 333 2.35 -6.15 10.56
C ILE B 333 2.44 -7.62 10.98
N SER B 334 3.14 -8.41 10.17
CA SER B 334 3.30 -9.82 10.42
C SER B 334 4.67 -10.20 10.00
N ILE B 335 5.41 -10.80 10.92
CA ILE B 335 6.82 -11.12 10.73
C ILE B 335 7.12 -12.50 11.33
N ILE B 336 7.88 -13.31 10.58
CA ILE B 336 8.32 -14.59 11.06
C ILE B 336 9.82 -14.62 10.87
N VAL B 337 10.56 -14.69 11.98
CA VAL B 337 12.02 -14.81 11.94
C VAL B 337 12.44 -16.25 12.23
N ILE B 338 13.29 -16.78 11.38
CA ILE B 338 13.66 -18.18 11.46
C ILE B 338 15.17 -18.25 11.52
N ASP B 339 15.70 -18.87 12.59
CA ASP B 339 17.13 -18.96 12.77
C ASP B 339 17.57 -20.19 12.01
N LEU B 340 18.63 -20.03 11.22
CA LEU B 340 19.11 -21.09 10.32
C LEU B 340 20.43 -21.67 10.78
N LYS B 341 20.97 -21.11 11.85
CA LYS B 341 22.30 -21.43 12.34
C LYS B 341 22.20 -22.58 13.32
N ALA B 342 23.02 -23.60 13.09
CA ALA B 342 23.07 -24.80 13.93
C ALA B 342 23.20 -24.44 15.41
N GLN B 343 24.25 -23.66 15.72
CA GLN B 343 24.56 -23.21 17.08
C GLN B 343 25.27 -21.86 17.04
N ARG B 344 25.07 -21.06 18.08
CA ARG B 344 25.71 -19.75 18.17
C ARG B 344 26.40 -19.65 19.52
N LYS B 345 27.73 -19.46 19.47
CA LYS B 345 28.60 -19.52 20.64
C LYS B 345 29.18 -18.15 21.02
S SO4 C . 0.48 8.49 -8.38
O1 SO4 C . -0.94 8.52 -8.10
O2 SO4 C . 0.96 7.10 -8.17
O3 SO4 C . 1.21 9.49 -7.58
O4 SO4 C . 0.69 8.81 -9.78
S SO4 D . -6.28 -2.71 2.04
O1 SO4 D . -5.06 -2.13 2.63
O2 SO4 D . -6.13 -4.16 2.02
O3 SO4 D . -7.52 -2.41 2.78
O4 SO4 D . -6.41 -2.27 0.66
MG MG E . -3.61 -6.59 5.02
MG MG F . -0.54 -5.13 4.48
S SO4 G . -8.44 1.62 7.62
O1 SO4 G . -7.92 0.39 8.22
O2 SO4 G . -8.25 1.61 6.17
O3 SO4 G . -9.86 1.67 7.88
O4 SO4 G . -7.75 2.77 8.20
#